data_3B95
#
_entry.id   3B95
#
_cell.length_a   59.520
_cell.length_b   152.390
_cell.length_c   167.320
_cell.angle_alpha   90.00
_cell.angle_beta   90.00
_cell.angle_gamma   90.00
#
_symmetry.space_group_name_H-M   'C 2 2 21'
#
loop_
_entity.id
_entity.type
_entity.pdbx_description
1 polymer 'Euchromatic histone-lysine N-methyltransferase 1'
2 polymer 'Histone H3 N-terminal Peptide'
3 non-polymer 'SULFATE ION'
4 water water
#
loop_
_entity_poly.entity_id
_entity_poly.type
_entity_poly.pdbx_seq_one_letter_code
_entity_poly.pdbx_strand_id
1 'polypeptide(L)'
;HMNFKMEHQNKRSPLHAAAEAGHVDICHMLVQAGANIDTCSEDQRTPLMEAAENNHLEAVKYLIKAGALVDPKDAEGSTC
LHLAAKKGHYEVVQYLLSNGQMDVNCQDDGGWTPMIWATEYKHVDLVKLLLSKGSDINIRDNEENICLHWAAFSGCVDIA
EILLAAKCDLHAVNIHGDSPLHIAARENRYDCVVLFLSRDSDVTLKNKEGETPLQCASLNSQVWSALQMSKALQDSA
;
A,B
2 'polypeptide(L)' ARTKQTAR(MLY)STGGKA P
#
loop_
_chem_comp.id
_chem_comp.type
_chem_comp.name
_chem_comp.formula
SO4 non-polymer 'SULFATE ION' 'O4 S -2'
#
# COMPACT_ATOMS: atom_id res chain seq x y z
N HIS A 1 -45.11 -0.75 6.11
CA HIS A 1 -44.20 -1.10 7.26
C HIS A 1 -43.61 0.13 7.95
N MET A 2 -43.08 -0.10 9.15
CA MET A 2 -42.46 0.97 9.93
C MET A 2 -40.94 1.01 9.78
N ASN A 3 -40.37 2.16 10.05
CA ASN A 3 -38.92 2.34 9.96
C ASN A 3 -38.30 2.54 11.33
N PHE A 4 -37.38 1.65 11.70
CA PHE A 4 -36.70 1.78 12.97
C PHE A 4 -35.83 3.04 12.88
N LYS A 5 -35.72 3.78 13.98
CA LYS A 5 -34.85 4.95 13.98
C LYS A 5 -33.46 4.39 14.32
N MET A 6 -32.49 4.64 13.44
CA MET A 6 -31.16 4.12 13.62
C MET A 6 -30.08 5.18 13.64
N GLU A 7 -29.04 4.97 14.46
CA GLU A 7 -27.90 5.89 14.51
C GLU A 7 -27.11 5.65 13.25
N HIS A 8 -26.37 4.53 13.19
CA HIS A 8 -25.60 4.23 12.00
C HIS A 8 -25.98 2.85 11.43
N GLN A 9 -27.06 2.81 10.65
CA GLN A 9 -27.49 1.57 10.04
C GLN A 9 -26.50 1.19 8.95
N ASN A 10 -26.15 -0.10 8.87
CA ASN A 10 -25.21 -0.58 7.86
C ASN A 10 -25.85 -1.74 7.06
N LYS A 11 -27.10 -1.55 6.65
CA LYS A 11 -27.86 -2.56 5.89
C LYS A 11 -28.64 -1.95 4.72
N ARG A 12 -28.52 -2.57 3.54
CA ARG A 12 -29.23 -2.09 2.37
C ARG A 12 -30.73 -1.96 2.68
N SER A 13 -31.33 -0.85 2.25
CA SER A 13 -32.74 -0.60 2.51
C SER A 13 -33.53 -0.65 1.22
N PRO A 14 -34.87 -0.65 1.32
CA PRO A 14 -35.68 -0.69 0.10
C PRO A 14 -35.40 0.55 -0.74
N LEU A 15 -35.11 1.66 -0.06
CA LEU A 15 -34.80 2.91 -0.74
C LEU A 15 -33.65 2.73 -1.71
N HIS A 16 -32.68 1.89 -1.31
CA HIS A 16 -31.54 1.58 -2.16
C HIS A 16 -32.02 0.90 -3.44
N ALA A 17 -32.78 -0.17 -3.30
CA ALA A 17 -33.29 -0.91 -4.43
C ALA A 17 -34.13 -0.02 -5.38
N ALA A 18 -34.87 0.92 -4.79
CA ALA A 18 -35.71 1.83 -5.56
C ALA A 18 -34.89 2.86 -6.31
N ALA A 19 -33.86 3.39 -5.64
CA ALA A 19 -32.95 4.37 -6.22
C ALA A 19 -32.21 3.71 -7.39
N GLU A 20 -31.68 2.52 -7.14
CA GLU A 20 -30.96 1.77 -8.16
C GLU A 20 -31.80 1.45 -9.40
N ALA A 21 -33.10 1.27 -9.20
CA ALA A 21 -34.05 1.00 -10.28
C ALA A 21 -34.37 2.28 -11.04
N GLY A 22 -34.26 3.41 -10.34
CA GLY A 22 -34.55 4.69 -10.92
C GLY A 22 -36.02 5.01 -10.82
N HIS A 23 -36.73 4.23 -10.01
CA HIS A 23 -38.16 4.43 -9.78
C HIS A 23 -38.39 5.60 -8.83
N VAL A 24 -38.67 6.78 -9.37
CA VAL A 24 -38.89 7.97 -8.54
C VAL A 24 -40.07 7.90 -7.58
N ASP A 25 -41.20 7.42 -8.04
CA ASP A 25 -42.36 7.34 -7.19
C ASP A 25 -42.14 6.45 -5.97
N ILE A 26 -41.71 5.23 -6.20
CA ILE A 26 -41.45 4.32 -5.08
C ILE A 26 -40.46 4.96 -4.09
N CYS A 27 -39.52 5.74 -4.62
CA CYS A 27 -38.54 6.43 -3.78
C CYS A 27 -39.29 7.40 -2.89
N HIS A 28 -40.05 8.26 -3.55
CA HIS A 28 -40.85 9.26 -2.86
C HIS A 28 -41.71 8.63 -1.78
N MET A 29 -42.50 7.62 -2.14
CA MET A 29 -43.35 6.94 -1.16
C MET A 29 -42.56 6.49 0.06
N LEU A 30 -41.36 5.96 -0.19
CA LEU A 30 -40.53 5.51 0.90
C LEU A 30 -40.03 6.69 1.76
N VAL A 31 -39.46 7.71 1.10
CA VAL A 31 -38.96 8.90 1.78
C VAL A 31 -40.10 9.39 2.65
N GLN A 32 -41.22 9.66 1.99
CA GLN A 32 -42.45 10.15 2.59
C GLN A 32 -42.87 9.35 3.82
N ALA A 33 -42.82 8.02 3.72
CA ALA A 33 -43.19 7.15 4.84
C ALA A 33 -42.14 7.06 5.94
N GLY A 34 -41.17 7.98 5.94
CA GLY A 34 -40.17 7.97 6.99
C GLY A 34 -38.79 7.36 6.75
N ALA A 35 -38.56 6.81 5.57
CA ALA A 35 -37.27 6.21 5.27
C ALA A 35 -36.19 7.28 5.32
N ASN A 36 -35.04 6.93 5.91
CA ASN A 36 -33.91 7.85 6.02
C ASN A 36 -33.22 7.95 4.65
N ILE A 37 -33.30 9.12 4.04
CA ILE A 37 -32.73 9.33 2.71
C ILE A 37 -31.21 9.13 2.57
N ASP A 38 -30.52 8.92 3.68
CA ASP A 38 -29.07 8.74 3.60
C ASP A 38 -28.53 7.46 4.21
N THR A 39 -29.40 6.47 4.39
CA THR A 39 -29.02 5.18 4.98
C THR A 39 -27.85 4.60 4.23
N CYS A 40 -27.00 3.88 4.96
CA CYS A 40 -25.85 3.25 4.31
C CYS A 40 -26.06 1.76 4.22
N SER A 41 -25.57 1.16 3.14
CA SER A 41 -25.68 -0.28 2.95
C SER A 41 -24.52 -0.95 3.64
N GLU A 42 -24.43 -2.27 3.51
CA GLU A 42 -23.35 -3.02 4.14
C GLU A 42 -22.02 -2.45 3.67
N ASP A 43 -21.95 -2.13 2.39
CA ASP A 43 -20.74 -1.60 1.77
C ASP A 43 -20.73 -0.08 1.71
N GLN A 44 -21.42 0.51 2.68
CA GLN A 44 -21.50 1.96 2.83
C GLN A 44 -21.86 2.71 1.58
N ARG A 45 -23.08 2.50 1.11
CA ARG A 45 -23.53 3.20 -0.07
C ARG A 45 -24.89 3.82 0.20
N THR A 46 -25.06 5.04 -0.32
CA THR A 46 -26.27 5.81 -0.17
C THR A 46 -27.17 5.62 -1.38
N PRO A 47 -28.46 5.82 -1.20
CA PRO A 47 -29.39 5.67 -2.32
C PRO A 47 -28.98 6.60 -3.46
N LEU A 48 -28.36 7.73 -3.12
CA LEU A 48 -27.91 8.68 -4.14
C LEU A 48 -26.80 8.04 -4.99
N MET A 49 -25.85 7.38 -4.34
CA MET A 49 -24.77 6.70 -5.09
C MET A 49 -25.40 5.69 -6.05
N GLU A 50 -26.39 4.94 -5.55
CA GLU A 50 -27.08 3.94 -6.35
C GLU A 50 -27.77 4.54 -7.60
N ALA A 51 -28.49 5.64 -7.42
CA ALA A 51 -29.20 6.31 -8.51
C ALA A 51 -28.24 6.94 -9.49
N ALA A 52 -27.16 7.50 -8.94
CA ALA A 52 -26.14 8.16 -9.74
C ALA A 52 -25.46 7.18 -10.68
N GLU A 53 -24.82 6.19 -10.09
CA GLU A 53 -24.09 5.17 -10.83
C GLU A 53 -24.88 4.39 -11.86
N ASN A 54 -26.20 4.39 -11.75
CA ASN A 54 -27.02 3.67 -12.71
C ASN A 54 -27.68 4.61 -13.72
N ASN A 55 -27.16 5.82 -13.80
CA ASN A 55 -27.64 6.85 -14.72
C ASN A 55 -29.15 7.10 -14.67
N HIS A 56 -29.66 7.28 -13.46
CA HIS A 56 -31.06 7.53 -13.26
C HIS A 56 -31.23 8.99 -12.88
N LEU A 57 -31.13 9.87 -13.86
CA LEU A 57 -31.20 11.29 -13.60
C LEU A 57 -32.37 11.77 -12.76
N GLU A 58 -33.59 11.39 -13.14
CA GLU A 58 -34.74 11.86 -12.40
C GLU A 58 -34.75 11.43 -10.94
N ALA A 59 -34.25 10.24 -10.66
CA ALA A 59 -34.16 9.76 -9.30
C ALA A 59 -33.11 10.56 -8.55
N VAL A 60 -32.02 10.88 -9.24
CA VAL A 60 -30.93 11.67 -8.66
C VAL A 60 -31.47 13.00 -8.16
N LYS A 61 -32.18 13.70 -9.06
CA LYS A 61 -32.78 14.98 -8.73
C LYS A 61 -33.72 14.85 -7.54
N TYR A 62 -34.64 13.89 -7.61
CA TYR A 62 -35.54 13.73 -6.49
C TYR A 62 -34.75 13.66 -5.18
N LEU A 63 -33.83 12.70 -5.10
CA LEU A 63 -33.03 12.52 -3.90
C LEU A 63 -32.34 13.80 -3.47
N ILE A 64 -31.79 14.53 -4.43
CA ILE A 64 -31.11 15.78 -4.10
C ILE A 64 -32.11 16.83 -3.66
N LYS A 65 -33.15 17.04 -4.47
CA LYS A 65 -34.20 17.98 -4.10
C LYS A 65 -35.02 17.24 -3.05
N ALA A 66 -34.39 16.81 -1.97
CA ALA A 66 -35.12 16.09 -0.93
C ALA A 66 -34.24 16.03 0.28
N GLY A 67 -33.03 16.56 0.15
CA GLY A 67 -32.13 16.59 1.27
C GLY A 67 -31.02 15.58 1.23
N ALA A 68 -31.05 14.70 0.24
CA ALA A 68 -30.00 13.68 0.15
C ALA A 68 -28.60 14.28 0.28
N LEU A 69 -27.77 13.72 1.16
CA LEU A 69 -26.39 14.16 1.31
C LEU A 69 -25.55 13.73 0.10
N VAL A 70 -24.85 14.70 -0.46
CA VAL A 70 -24.05 14.51 -1.65
C VAL A 70 -22.56 14.19 -1.41
N ASP A 71 -22.09 14.31 -0.18
CA ASP A 71 -20.68 14.06 0.09
C ASP A 71 -20.27 12.78 0.82
N PRO A 72 -21.21 11.86 1.08
CA PRO A 72 -20.69 10.68 1.77
C PRO A 72 -19.78 9.85 0.86
N LYS A 73 -18.90 9.06 1.46
CA LYS A 73 -17.96 8.26 0.68
C LYS A 73 -18.20 6.77 0.71
N ASP A 74 -17.84 6.14 -0.41
CA ASP A 74 -17.91 4.71 -0.67
C ASP A 74 -17.03 4.01 0.34
N ALA A 75 -16.96 2.69 0.28
CA ALA A 75 -16.11 1.95 1.19
C ALA A 75 -14.68 2.18 0.72
N GLU A 76 -14.53 2.71 -0.49
CA GLU A 76 -13.20 2.99 -1.03
C GLU A 76 -13.02 4.47 -1.34
N GLY A 77 -13.81 5.28 -0.64
CA GLY A 77 -13.75 6.72 -0.73
C GLY A 77 -14.33 7.37 -1.97
N SER A 78 -15.22 6.68 -2.65
CA SER A 78 -15.77 7.29 -3.84
C SER A 78 -17.10 7.97 -3.54
N THR A 79 -17.33 9.11 -4.15
CA THR A 79 -18.59 9.79 -3.93
C THR A 79 -19.45 9.46 -5.12
N CYS A 80 -20.74 9.78 -5.03
CA CYS A 80 -21.61 9.51 -6.16
C CYS A 80 -21.04 10.18 -7.39
N LEU A 81 -20.19 11.18 -7.20
CA LEU A 81 -19.59 11.88 -8.31
C LEU A 81 -18.55 10.99 -8.99
N HIS A 82 -17.72 10.33 -8.17
CA HIS A 82 -16.70 9.43 -8.68
C HIS A 82 -17.36 8.33 -9.48
N LEU A 83 -18.42 7.77 -8.90
CA LEU A 83 -19.15 6.67 -9.50
C LEU A 83 -19.85 6.99 -10.80
N ALA A 84 -20.50 8.14 -10.88
CA ALA A 84 -21.20 8.50 -12.11
C ALA A 84 -20.20 8.81 -13.20
N ALA A 85 -19.12 9.47 -12.82
CA ALA A 85 -18.09 9.85 -13.77
C ALA A 85 -17.34 8.63 -14.26
N LYS A 86 -17.10 7.71 -13.34
CA LYS A 86 -16.40 6.47 -13.64
C LYS A 86 -17.20 5.67 -14.67
N LYS A 87 -18.52 5.90 -14.70
CA LYS A 87 -19.41 5.21 -15.62
C LYS A 87 -19.68 6.07 -16.86
N GLY A 88 -19.19 7.30 -16.84
CA GLY A 88 -19.35 8.22 -17.96
C GLY A 88 -20.76 8.73 -18.19
N HIS A 89 -21.48 9.00 -17.11
CA HIS A 89 -22.83 9.50 -17.28
C HIS A 89 -22.80 11.03 -17.24
N TYR A 90 -22.77 11.63 -18.43
CA TYR A 90 -22.71 13.08 -18.60
C TYR A 90 -23.72 13.88 -17.78
N GLU A 91 -25.00 13.70 -18.10
CA GLU A 91 -26.12 14.37 -17.44
C GLU A 91 -26.07 14.32 -15.90
N VAL A 92 -25.92 13.11 -15.36
CA VAL A 92 -25.86 12.99 -13.91
C VAL A 92 -24.66 13.75 -13.36
N VAL A 93 -23.53 13.65 -14.04
CA VAL A 93 -22.34 14.36 -13.56
C VAL A 93 -22.61 15.85 -13.65
N GLN A 94 -23.30 16.28 -14.71
CA GLN A 94 -23.66 17.69 -14.89
C GLN A 94 -24.47 18.16 -13.69
N TYR A 95 -25.60 17.52 -13.47
CA TYR A 95 -26.45 17.88 -12.35
C TYR A 95 -25.68 17.83 -11.04
N LEU A 96 -25.02 16.72 -10.77
CA LEU A 96 -24.28 16.62 -9.53
C LEU A 96 -23.34 17.81 -9.36
N LEU A 97 -23.01 18.48 -10.46
CA LEU A 97 -22.11 19.64 -10.38
C LEU A 97 -22.82 20.97 -10.11
N SER A 98 -23.81 21.30 -10.95
CA SER A 98 -24.57 22.53 -10.77
C SER A 98 -25.48 22.46 -9.54
N ASN A 99 -26.71 21.97 -9.73
CA ASN A 99 -27.67 21.84 -8.63
C ASN A 99 -27.11 21.03 -7.49
N GLY A 100 -26.22 20.11 -7.81
CA GLY A 100 -25.65 19.28 -6.79
C GLY A 100 -24.69 20.01 -5.90
N GLN A 101 -24.04 21.05 -6.43
CA GLN A 101 -23.05 21.81 -5.67
C GLN A 101 -22.10 20.85 -4.94
N MET A 102 -21.42 20.01 -5.72
CA MET A 102 -20.48 19.00 -5.23
C MET A 102 -19.05 19.31 -5.67
N ASP A 103 -18.08 18.80 -4.95
CA ASP A 103 -16.67 19.05 -5.23
C ASP A 103 -16.03 18.26 -6.40
N VAL A 104 -15.59 18.97 -7.44
CA VAL A 104 -14.96 18.32 -8.59
C VAL A 104 -13.59 17.74 -8.31
N ASN A 105 -13.01 18.09 -7.17
CA ASN A 105 -11.69 17.58 -6.89
C ASN A 105 -11.58 16.61 -5.75
N CYS A 106 -12.69 16.11 -5.26
CA CYS A 106 -12.62 15.15 -4.17
C CYS A 106 -11.82 13.95 -4.66
N GLN A 107 -11.00 13.39 -3.80
CA GLN A 107 -10.17 12.26 -4.17
C GLN A 107 -10.56 11.02 -3.40
N ASP A 108 -10.74 9.90 -4.08
CA ASP A 108 -11.09 8.70 -3.34
C ASP A 108 -9.84 8.21 -2.61
N ASP A 109 -9.92 7.02 -2.00
CA ASP A 109 -8.82 6.46 -1.25
C ASP A 109 -7.46 6.36 -1.92
N GLY A 110 -7.44 6.06 -3.22
CA GLY A 110 -6.18 5.94 -3.93
C GLY A 110 -5.69 7.27 -4.45
N GLY A 111 -6.39 8.34 -4.11
CA GLY A 111 -5.96 9.64 -4.55
C GLY A 111 -6.62 10.11 -5.83
N TRP A 112 -7.29 9.20 -6.52
CA TRP A 112 -7.94 9.53 -7.77
C TRP A 112 -9.10 10.51 -7.72
N THR A 113 -9.08 11.51 -8.59
CA THR A 113 -10.15 12.49 -8.65
C THR A 113 -11.09 12.00 -9.74
N PRO A 114 -12.24 12.67 -9.91
CA PRO A 114 -13.17 12.24 -10.95
C PRO A 114 -12.54 12.32 -12.34
N MET A 115 -11.72 13.33 -12.58
CA MET A 115 -11.13 13.44 -13.91
C MET A 115 -10.22 12.27 -14.20
N ILE A 116 -9.50 11.81 -13.19
CA ILE A 116 -8.63 10.66 -13.37
C ILE A 116 -9.50 9.43 -13.67
N TRP A 117 -10.64 9.31 -12.99
CA TRP A 117 -11.55 8.20 -13.23
C TRP A 117 -12.13 8.23 -14.63
N ALA A 118 -12.58 9.41 -15.04
CA ALA A 118 -13.14 9.58 -16.35
C ALA A 118 -12.08 9.30 -17.40
N THR A 119 -10.81 9.53 -17.06
CA THR A 119 -9.69 9.28 -17.97
C THR A 119 -9.38 7.79 -18.10
N GLU A 120 -9.47 7.06 -16.99
CA GLU A 120 -9.23 5.62 -17.00
C GLU A 120 -10.16 4.95 -17.99
N TYR A 121 -11.41 5.42 -18.03
CA TYR A 121 -12.36 4.83 -18.95
C TYR A 121 -12.56 5.66 -20.21
N LYS A 122 -11.53 6.40 -20.58
CA LYS A 122 -11.55 7.19 -21.79
C LYS A 122 -12.87 7.91 -22.12
N HIS A 123 -13.45 8.61 -21.16
CA HIS A 123 -14.68 9.35 -21.40
C HIS A 123 -14.31 10.80 -21.70
N VAL A 124 -13.96 11.07 -22.96
CA VAL A 124 -13.54 12.41 -23.38
C VAL A 124 -14.45 13.58 -23.00
N ASP A 125 -15.71 13.53 -23.44
CA ASP A 125 -16.63 14.61 -23.14
C ASP A 125 -16.77 14.87 -21.66
N LEU A 126 -16.56 13.83 -20.85
CA LEU A 126 -16.67 13.94 -19.41
C LEU A 126 -15.49 14.72 -18.82
N VAL A 127 -14.28 14.50 -19.36
CA VAL A 127 -13.11 15.23 -18.86
C VAL A 127 -13.22 16.68 -19.29
N LYS A 128 -13.81 16.89 -20.47
CA LYS A 128 -14.05 18.24 -20.98
C LYS A 128 -14.91 18.91 -19.95
N LEU A 129 -16.06 18.29 -19.70
CA LEU A 129 -17.01 18.78 -18.73
C LEU A 129 -16.36 19.06 -17.38
N LEU A 130 -15.68 18.06 -16.83
CA LEU A 130 -15.04 18.21 -15.53
C LEU A 130 -14.05 19.37 -15.52
N LEU A 131 -13.36 19.56 -16.63
CA LEU A 131 -12.43 20.66 -16.69
C LEU A 131 -13.26 21.93 -16.61
N SER A 132 -14.13 22.13 -17.61
CA SER A 132 -14.98 23.31 -17.68
C SER A 132 -15.76 23.59 -16.40
N LYS A 133 -15.53 22.79 -15.36
CA LYS A 133 -16.21 22.97 -14.09
C LYS A 133 -15.26 22.93 -12.90
N GLY A 134 -13.96 23.15 -13.13
CA GLY A 134 -12.99 23.25 -12.04
C GLY A 134 -12.07 22.06 -11.68
N SER A 135 -11.61 21.27 -12.60
CA SER A 135 -10.72 20.16 -12.20
C SER A 135 -9.28 20.66 -12.12
N ASP A 136 -8.60 20.34 -11.02
CA ASP A 136 -7.22 20.75 -10.80
C ASP A 136 -6.25 19.73 -11.40
N ILE A 137 -5.99 19.87 -12.69
CA ILE A 137 -5.08 18.97 -13.43
C ILE A 137 -3.80 18.64 -12.66
N ASN A 138 -3.45 19.47 -11.68
CA ASN A 138 -2.24 19.28 -10.89
C ASN A 138 -2.38 18.33 -9.74
N ILE A 139 -3.60 17.82 -9.54
CA ILE A 139 -3.84 16.89 -8.43
C ILE A 139 -3.01 15.65 -8.60
N ARG A 140 -2.32 15.24 -7.54
CA ARG A 140 -1.51 14.05 -7.62
C ARG A 140 -2.09 12.90 -6.84
N ASP A 141 -2.19 11.74 -7.47
CA ASP A 141 -2.74 10.60 -6.78
C ASP A 141 -1.69 10.14 -5.76
N ASN A 142 -1.99 9.06 -5.04
CA ASN A 142 -1.13 8.51 -4.01
C ASN A 142 0.22 7.96 -4.48
N GLU A 143 0.54 8.17 -5.75
CA GLU A 143 1.81 7.69 -6.27
C GLU A 143 2.43 8.73 -7.14
N GLU A 144 2.07 9.98 -6.86
CA GLU A 144 2.60 11.14 -7.56
C GLU A 144 2.13 11.39 -8.99
N ASN A 145 1.32 10.50 -9.54
CA ASN A 145 0.84 10.68 -10.91
C ASN A 145 -0.19 11.81 -10.97
N ILE A 146 -0.19 12.57 -12.06
CA ILE A 146 -1.21 13.60 -12.22
C ILE A 146 -2.02 13.05 -13.36
N CYS A 147 -3.10 13.72 -13.73
CA CYS A 147 -3.94 13.22 -14.78
C CYS A 147 -3.22 12.87 -16.08
N LEU A 148 -2.30 13.71 -16.52
CA LEU A 148 -1.58 13.41 -17.75
C LEU A 148 -0.94 12.00 -17.75
N HIS A 149 -0.32 11.61 -16.65
CA HIS A 149 0.29 10.28 -16.56
C HIS A 149 -0.65 9.12 -16.90
N TRP A 150 -1.90 9.21 -16.45
CA TRP A 150 -2.87 8.16 -16.71
C TRP A 150 -3.39 8.31 -18.13
N ALA A 151 -3.51 9.55 -18.59
CA ALA A 151 -3.95 9.80 -19.96
C ALA A 151 -2.90 9.11 -20.83
N ALA A 152 -1.64 9.20 -20.39
CA ALA A 152 -0.53 8.58 -21.09
C ALA A 152 -0.62 7.07 -20.94
N PHE A 153 -0.75 6.60 -19.72
CA PHE A 153 -0.84 5.18 -19.48
C PHE A 153 -1.94 4.54 -20.28
N SER A 154 -3.09 5.20 -20.37
CA SER A 154 -4.22 4.68 -21.12
C SER A 154 -4.01 4.73 -22.64
N GLY A 155 -3.56 5.88 -23.15
CA GLY A 155 -3.34 6.01 -24.57
C GLY A 155 -4.31 6.94 -25.25
N CYS A 156 -5.33 7.37 -24.53
CA CYS A 156 -6.31 8.28 -25.13
C CYS A 156 -5.69 9.64 -25.44
N VAL A 157 -5.40 9.88 -26.72
CA VAL A 157 -4.82 11.14 -27.13
C VAL A 157 -5.76 12.31 -26.90
N ASP A 158 -7.01 12.17 -27.31
CA ASP A 158 -7.99 13.23 -27.16
C ASP A 158 -8.01 13.84 -25.76
N ILE A 159 -7.89 12.98 -24.76
CA ILE A 159 -7.89 13.43 -23.38
C ILE A 159 -6.56 14.06 -23.01
N ALA A 160 -5.48 13.51 -23.56
CA ALA A 160 -4.12 14.02 -23.32
C ALA A 160 -3.89 15.36 -24.02
N GLU A 161 -4.47 15.51 -25.21
CA GLU A 161 -4.38 16.74 -25.99
C GLU A 161 -5.01 17.83 -25.13
N ILE A 162 -6.20 17.50 -24.65
CA ILE A 162 -7.00 18.38 -23.80
C ILE A 162 -6.31 18.75 -22.48
N LEU A 163 -5.73 17.77 -21.80
CA LEU A 163 -5.03 18.05 -20.55
C LEU A 163 -3.86 19.03 -20.77
N LEU A 164 -3.24 18.95 -21.95
CA LEU A 164 -2.10 19.83 -22.28
C LEU A 164 -2.62 21.21 -22.63
N ALA A 165 -3.63 21.25 -23.49
CA ALA A 165 -4.24 22.52 -23.88
C ALA A 165 -4.70 23.25 -22.62
N ALA A 166 -4.66 22.57 -21.48
CA ALA A 166 -5.06 23.14 -20.20
C ALA A 166 -3.85 23.53 -19.34
N LYS A 167 -2.69 23.67 -19.99
CA LYS A 167 -1.43 24.06 -19.34
C LYS A 167 -0.86 23.05 -18.37
N CYS A 168 -1.17 21.77 -18.60
CA CYS A 168 -0.67 20.69 -17.77
C CYS A 168 0.82 20.50 -18.06
N ASP A 169 1.60 20.28 -17.02
CA ASP A 169 3.05 20.09 -17.16
C ASP A 169 3.39 18.80 -17.92
N LEU A 170 4.05 18.96 -19.06
CA LEU A 170 4.43 17.85 -19.91
C LEU A 170 5.56 17.02 -19.30
N HIS A 171 6.25 17.58 -18.31
CA HIS A 171 7.36 16.87 -17.70
C HIS A 171 7.14 16.51 -16.23
N ALA A 172 5.91 16.64 -15.77
CA ALA A 172 5.60 16.30 -14.38
C ALA A 172 6.03 14.84 -14.21
N VAL A 173 6.58 14.47 -13.06
CA VAL A 173 6.98 13.07 -12.90
C VAL A 173 6.47 12.43 -11.64
N ASN A 174 6.09 11.16 -11.75
CA ASN A 174 5.57 10.47 -10.59
C ASN A 174 6.68 9.96 -9.69
N ILE A 175 6.28 9.21 -8.68
CA ILE A 175 7.18 8.67 -7.68
C ILE A 175 8.36 7.89 -8.21
N HIS A 176 8.25 7.35 -9.43
CA HIS A 176 9.35 6.60 -10.02
C HIS A 176 10.14 7.53 -10.94
N GLY A 177 9.67 8.76 -11.02
CA GLY A 177 10.33 9.74 -11.85
C GLY A 177 9.97 9.55 -13.29
N ASP A 178 8.80 8.95 -13.54
CA ASP A 178 8.34 8.73 -14.90
C ASP A 178 7.55 9.93 -15.37
N SER A 179 7.82 10.36 -16.59
CA SER A 179 7.11 11.50 -17.16
C SER A 179 5.97 10.93 -18.01
N PRO A 180 5.10 11.80 -18.50
CA PRO A 180 4.04 11.26 -19.33
C PRO A 180 4.67 10.46 -20.48
N LEU A 181 5.70 11.03 -21.10
CA LEU A 181 6.37 10.36 -22.22
C LEU A 181 7.03 9.05 -21.81
N HIS A 182 7.47 8.94 -20.57
CA HIS A 182 8.11 7.71 -20.11
C HIS A 182 7.10 6.59 -20.15
N ILE A 183 5.89 6.88 -19.67
CA ILE A 183 4.80 5.92 -19.62
C ILE A 183 4.30 5.60 -21.03
N ALA A 184 3.92 6.64 -21.76
CA ALA A 184 3.44 6.48 -23.13
C ALA A 184 4.34 5.55 -23.94
N ALA A 185 5.61 5.44 -23.55
CA ALA A 185 6.57 4.59 -24.23
C ALA A 185 6.55 3.15 -23.72
N ARG A 186 6.55 2.99 -22.40
CA ARG A 186 6.53 1.68 -21.77
C ARG A 186 5.27 0.91 -22.17
N GLU A 187 4.18 1.67 -22.26
CA GLU A 187 2.91 1.09 -22.61
C GLU A 187 2.62 1.08 -24.10
N ASN A 188 3.64 1.47 -24.87
CA ASN A 188 3.58 1.51 -26.32
C ASN A 188 2.36 2.24 -26.94
N ARG A 189 2.06 3.40 -26.39
CA ARG A 189 0.94 4.20 -26.89
C ARG A 189 1.44 5.14 -27.98
N TYR A 190 1.56 4.63 -29.20
CA TYR A 190 2.06 5.42 -30.33
C TYR A 190 1.50 6.82 -30.42
N ASP A 191 0.29 6.97 -30.93
CA ASP A 191 -0.31 8.30 -31.07
C ASP A 191 0.04 9.25 -29.94
N CYS A 192 0.12 8.72 -28.72
CA CYS A 192 0.47 9.51 -27.55
C CYS A 192 1.94 9.95 -27.58
N VAL A 193 2.85 9.00 -27.64
CA VAL A 193 4.26 9.34 -27.70
C VAL A 193 4.51 10.34 -28.85
N VAL A 194 3.66 10.33 -29.89
CA VAL A 194 3.82 11.29 -30.98
C VAL A 194 3.34 12.67 -30.56
N LEU A 195 2.15 12.75 -29.99
CA LEU A 195 1.66 14.05 -29.53
C LEU A 195 2.73 14.68 -28.65
N PHE A 196 3.25 13.88 -27.71
CA PHE A 196 4.27 14.35 -26.79
C PHE A 196 5.52 14.91 -27.46
N LEU A 197 6.13 14.12 -28.35
CA LEU A 197 7.34 14.56 -29.04
C LEU A 197 7.02 15.82 -29.84
N SER A 198 5.77 15.91 -30.29
CA SER A 198 5.34 17.07 -31.04
C SER A 198 5.27 18.31 -30.13
N ARG A 199 5.37 18.10 -28.82
CA ARG A 199 5.30 19.21 -27.86
C ARG A 199 6.64 19.39 -27.14
N ASP A 200 7.67 18.80 -27.74
CA ASP A 200 9.04 18.86 -27.23
C ASP A 200 9.21 18.28 -25.84
N SER A 201 8.90 17.00 -25.71
CA SER A 201 9.05 16.34 -24.42
C SER A 201 10.52 15.88 -24.35
N ASP A 202 11.20 16.12 -23.23
CA ASP A 202 12.62 15.75 -23.10
C ASP A 202 12.89 14.24 -23.28
N VAL A 203 13.47 13.88 -24.42
CA VAL A 203 13.79 12.48 -24.74
C VAL A 203 15.01 11.96 -23.95
N THR A 204 15.80 12.89 -23.45
CA THR A 204 17.01 12.59 -22.68
C THR A 204 16.77 12.50 -21.17
N LEU A 205 15.54 12.77 -20.75
CA LEU A 205 15.21 12.72 -19.34
C LEU A 205 15.23 11.32 -18.75
N LYS A 206 16.08 11.12 -17.75
CA LYS A 206 16.14 9.81 -17.10
C LYS A 206 15.16 9.81 -15.92
N ASN A 207 14.75 8.63 -15.46
CA ASN A 207 13.84 8.55 -14.32
C ASN A 207 14.67 8.06 -13.15
N LYS A 208 14.02 7.49 -12.13
CA LYS A 208 14.77 7.02 -10.97
C LYS A 208 15.47 5.68 -11.14
N GLU A 209 15.55 5.21 -12.38
CA GLU A 209 16.22 3.96 -12.68
C GLU A 209 17.23 4.36 -13.74
N GLY A 210 17.24 5.65 -14.06
CA GLY A 210 18.16 6.18 -15.07
C GLY A 210 17.75 5.92 -16.50
N GLU A 211 16.57 5.35 -16.68
CA GLU A 211 16.08 5.03 -18.02
C GLU A 211 15.49 6.29 -18.63
N THR A 212 15.60 6.42 -19.94
CA THR A 212 15.04 7.56 -20.64
C THR A 212 13.80 6.97 -21.27
N PRO A 213 12.84 7.80 -21.72
CA PRO A 213 11.68 7.16 -22.33
C PRO A 213 12.05 6.13 -23.42
N LEU A 214 13.07 6.42 -24.22
CA LEU A 214 13.48 5.49 -25.25
C LEU A 214 13.93 4.15 -24.67
N GLN A 215 14.52 4.18 -23.49
CA GLN A 215 14.99 2.94 -22.86
C GLN A 215 13.86 2.11 -22.24
N CYS A 216 12.66 2.69 -22.17
CA CYS A 216 11.51 2.02 -21.58
C CYS A 216 10.64 1.34 -22.61
N ALA A 217 10.77 1.76 -23.87
CA ALA A 217 9.99 1.18 -24.93
C ALA A 217 10.54 -0.21 -25.20
N SER A 218 9.72 -1.07 -25.81
CA SER A 218 10.19 -2.40 -26.16
C SER A 218 10.88 -2.25 -27.50
N LEU A 219 11.87 -3.07 -27.79
CA LEU A 219 12.61 -2.97 -29.03
C LEU A 219 11.79 -3.23 -30.30
N ASN A 220 12.04 -2.38 -31.30
CA ASN A 220 11.36 -2.44 -32.61
C ASN A 220 9.87 -2.23 -32.53
N SER A 221 9.45 -1.40 -31.60
CA SER A 221 8.04 -1.12 -31.46
C SER A 221 7.83 0.10 -32.28
N GLN A 222 6.60 0.32 -32.69
CA GLN A 222 6.27 1.51 -33.43
C GLN A 222 6.87 2.67 -32.60
N VAL A 223 6.65 2.61 -31.29
CA VAL A 223 7.14 3.65 -30.40
C VAL A 223 8.64 3.73 -30.34
N TRP A 224 9.31 2.60 -30.19
CA TRP A 224 10.76 2.60 -30.13
C TRP A 224 11.32 3.30 -31.36
N SER A 225 10.79 2.93 -32.52
CA SER A 225 11.23 3.51 -33.79
C SER A 225 11.12 5.02 -33.73
N ALA A 226 9.91 5.50 -33.46
CA ALA A 226 9.65 6.93 -33.37
C ALA A 226 10.48 7.66 -32.30
N LEU A 227 10.88 6.96 -31.24
CA LEU A 227 11.65 7.60 -30.18
C LEU A 227 13.14 7.69 -30.48
N GLN A 228 13.63 6.79 -31.32
CA GLN A 228 15.03 6.82 -31.67
C GLN A 228 15.18 7.75 -32.85
N MET A 229 14.30 7.58 -33.83
CA MET A 229 14.30 8.44 -35.00
C MET A 229 14.50 9.82 -34.41
N SER A 230 13.67 10.10 -33.42
CA SER A 230 13.67 11.36 -32.70
C SER A 230 15.02 11.70 -32.06
N LYS A 231 15.59 10.77 -31.30
CA LYS A 231 16.87 11.04 -30.67
C LYS A 231 17.90 11.40 -31.73
N ALA A 232 17.97 10.59 -32.78
CA ALA A 232 18.92 10.83 -33.87
C ALA A 232 18.71 12.21 -34.49
N LEU A 233 17.45 12.59 -34.68
CA LEU A 233 17.12 13.88 -35.28
C LEU A 233 17.60 15.05 -34.40
N GLN A 234 17.76 14.76 -33.11
CA GLN A 234 18.21 15.78 -32.17
C GLN A 234 19.74 15.79 -32.15
N ASP A 235 20.34 14.63 -31.88
CA ASP A 235 21.79 14.49 -31.84
C ASP A 235 22.47 15.14 -33.07
N SER A 236 21.79 15.10 -34.21
CA SER A 236 22.29 15.69 -35.45
C SER A 236 21.80 17.15 -35.56
N ARG B 12 21.10 7.64 32.35
CA ARG B 12 22.26 7.11 31.54
C ARG B 12 23.62 7.12 32.29
N SER B 13 24.10 5.91 32.58
CA SER B 13 25.35 5.73 33.28
C SER B 13 26.52 5.66 32.32
N PRO B 14 27.74 5.86 32.85
CA PRO B 14 28.95 5.80 32.04
C PRO B 14 29.06 4.40 31.45
N LEU B 15 28.69 3.39 32.22
CA LEU B 15 28.75 2.02 31.71
C LEU B 15 27.91 1.88 30.42
N HIS B 16 26.74 2.53 30.39
CA HIS B 16 25.89 2.49 29.21
C HIS B 16 26.62 3.12 28.05
N ALA B 17 27.22 4.27 28.32
CA ALA B 17 27.94 5.01 27.31
C ALA B 17 29.11 4.21 26.74
N ALA B 18 29.77 3.46 27.62
CA ALA B 18 30.94 2.68 27.22
C ALA B 18 30.56 1.47 26.43
N ALA B 19 29.45 0.84 26.79
CA ALA B 19 28.93 -0.35 26.11
C ALA B 19 28.42 0.05 24.73
N GLU B 20 27.78 1.20 24.68
CA GLU B 20 27.26 1.71 23.44
C GLU B 20 28.40 1.97 22.46
N ALA B 21 29.50 2.54 22.94
CA ALA B 21 30.65 2.82 22.08
C ALA B 21 31.59 1.61 21.91
N GLY B 22 31.23 0.51 22.58
CA GLY B 22 32.02 -0.69 22.52
C GLY B 22 33.40 -0.60 23.12
N HIS B 23 33.66 0.35 24.01
CA HIS B 23 34.97 0.47 24.61
C HIS B 23 35.07 -0.52 25.79
N VAL B 24 35.55 -1.73 25.50
CA VAL B 24 35.68 -2.76 26.53
C VAL B 24 36.48 -2.34 27.78
N ASP B 25 37.62 -1.70 27.56
CA ASP B 25 38.47 -1.26 28.65
C ASP B 25 37.72 -0.45 29.70
N ILE B 26 37.06 0.62 29.26
CA ILE B 26 36.31 1.46 30.19
C ILE B 26 35.26 0.59 30.91
N CYS B 27 34.55 -0.26 30.18
CA CYS B 27 33.54 -1.15 30.77
C CYS B 27 34.17 -1.92 31.88
N HIS B 28 35.27 -2.57 31.54
CA HIS B 28 35.95 -3.35 32.52
C HIS B 28 36.29 -2.48 33.74
N MET B 29 36.96 -1.36 33.51
CA MET B 29 37.32 -0.48 34.60
C MET B 29 36.11 -0.04 35.44
N LEU B 30 34.96 0.16 34.81
CA LEU B 30 33.80 0.56 35.57
C LEU B 30 33.26 -0.59 36.40
N VAL B 31 33.12 -1.76 35.77
CA VAL B 31 32.62 -2.94 36.46
C VAL B 31 33.53 -3.17 37.66
N GLN B 32 34.82 -2.91 37.46
CA GLN B 32 35.80 -3.08 38.51
C GLN B 32 35.63 -2.03 39.60
N ALA B 33 35.32 -0.82 39.19
CA ALA B 33 35.13 0.27 40.14
C ALA B 33 33.85 0.09 40.95
N GLY B 34 33.08 -0.96 40.62
CA GLY B 34 31.86 -1.18 41.37
C GLY B 34 30.56 -0.91 40.66
N ALA B 35 30.60 -0.29 39.49
CA ALA B 35 29.39 0.00 38.73
C ALA B 35 28.52 -1.25 38.62
N ASN B 36 27.21 -1.06 38.59
CA ASN B 36 26.28 -2.19 38.48
C ASN B 36 26.14 -2.55 37.02
N ILE B 37 26.49 -3.79 36.71
CA ILE B 37 26.48 -4.28 35.36
C ILE B 37 25.10 -4.42 34.75
N ASP B 38 24.10 -4.66 35.59
CA ASP B 38 22.74 -4.85 35.12
C ASP B 38 21.83 -3.64 35.28
N THR B 39 22.44 -2.48 35.47
CA THR B 39 21.74 -1.22 35.66
C THR B 39 20.88 -0.80 34.46
N CYS B 40 19.62 -0.48 34.74
CA CYS B 40 18.70 -0.06 33.68
C CYS B 40 18.61 1.43 33.55
N SER B 41 18.34 1.87 32.32
CA SER B 41 18.14 3.28 32.04
C SER B 41 16.60 3.50 32.17
N GLU B 42 16.17 4.76 32.12
CA GLU B 42 14.75 5.08 32.24
C GLU B 42 13.94 4.19 31.29
N ASP B 43 14.50 4.02 30.09
CA ASP B 43 13.91 3.23 29.02
C ASP B 43 14.09 1.72 29.16
N GLN B 44 14.47 1.29 30.36
CA GLN B 44 14.60 -0.14 30.62
C GLN B 44 15.76 -0.90 30.00
N ARG B 45 16.68 -0.22 29.31
CA ARG B 45 17.81 -0.88 28.67
C ARG B 45 19.03 -1.14 29.55
N THR B 46 19.71 -2.26 29.30
CA THR B 46 20.92 -2.62 30.04
C THR B 46 22.16 -2.29 29.21
N PRO B 47 23.34 -2.25 29.85
CA PRO B 47 24.54 -1.96 29.07
C PRO B 47 24.67 -3.02 27.99
N LEU B 48 24.37 -4.27 28.34
CA LEU B 48 24.46 -5.36 27.37
C LEU B 48 23.71 -5.10 26.09
N MET B 49 22.54 -4.48 26.21
CA MET B 49 21.72 -4.16 25.04
C MET B 49 22.36 -3.09 24.21
N GLU B 50 23.00 -2.13 24.87
CA GLU B 50 23.69 -1.06 24.16
C GLU B 50 24.77 -1.64 23.28
N ALA B 51 25.41 -2.68 23.81
CA ALA B 51 26.50 -3.37 23.15
C ALA B 51 26.04 -4.18 21.97
N ALA B 52 25.02 -4.99 22.21
CA ALA B 52 24.49 -5.85 21.19
C ALA B 52 23.84 -5.06 20.09
N GLU B 53 23.08 -4.03 20.44
CA GLU B 53 22.41 -3.28 19.41
C GLU B 53 23.38 -2.55 18.49
N ASN B 54 24.53 -2.14 19.03
CA ASN B 54 25.53 -1.43 18.23
C ASN B 54 26.65 -2.31 17.73
N ASN B 55 26.35 -3.59 17.53
CA ASN B 55 27.33 -4.53 16.99
C ASN B 55 28.71 -4.64 17.65
N HIS B 56 28.80 -4.40 18.95
CA HIS B 56 30.10 -4.50 19.63
C HIS B 56 30.33 -5.87 20.29
N LEU B 57 30.52 -6.88 19.45
CA LEU B 57 30.75 -8.23 19.93
C LEU B 57 31.77 -8.35 21.05
N GLU B 58 32.88 -7.64 20.93
CA GLU B 58 33.89 -7.75 21.96
C GLU B 58 33.41 -7.32 23.34
N ALA B 59 32.68 -6.21 23.41
CA ALA B 59 32.14 -5.74 24.67
C ALA B 59 30.94 -6.63 25.10
N VAL B 60 30.21 -7.16 24.12
CA VAL B 60 29.08 -8.04 24.43
C VAL B 60 29.68 -9.28 25.11
N LYS B 61 30.77 -9.79 24.57
CA LYS B 61 31.41 -10.95 25.17
C LYS B 61 31.96 -10.59 26.55
N TYR B 62 32.45 -9.37 26.70
CA TYR B 62 33.01 -8.95 27.99
C TYR B 62 31.96 -8.92 29.11
N LEU B 63 30.93 -8.10 28.94
CA LEU B 63 29.89 -7.99 29.96
C LEU B 63 29.29 -9.37 30.24
N ILE B 64 29.13 -10.18 29.20
CA ILE B 64 28.58 -11.49 29.47
C ILE B 64 29.54 -12.34 30.30
N LYS B 65 30.84 -12.23 30.05
CA LYS B 65 31.79 -13.00 30.86
C LYS B 65 31.84 -12.33 32.24
N ALA B 66 31.56 -11.05 32.29
CA ALA B 66 31.56 -10.34 33.55
C ALA B 66 30.28 -10.64 34.35
N GLY B 67 29.34 -11.38 33.77
CA GLY B 67 28.16 -11.69 34.53
C GLY B 67 26.92 -10.85 34.30
N ALA B 68 26.86 -10.14 33.18
CA ALA B 68 25.67 -9.34 32.91
C ALA B 68 24.49 -10.29 32.71
N LEU B 69 23.30 -9.90 33.16
CA LEU B 69 22.12 -10.73 32.94
C LEU B 69 21.85 -10.60 31.46
N VAL B 70 21.61 -11.72 30.80
CA VAL B 70 21.40 -11.71 29.36
C VAL B 70 19.94 -11.63 28.92
N ASP B 71 19.06 -12.32 29.63
CA ASP B 71 17.66 -12.32 29.24
C ASP B 71 16.72 -11.21 29.71
N PRO B 72 17.23 -10.19 30.43
CA PRO B 72 16.30 -9.15 30.86
C PRO B 72 15.67 -8.46 29.66
N LYS B 73 14.58 -7.73 29.90
CA LYS B 73 13.88 -7.08 28.80
C LYS B 73 13.78 -5.57 28.79
N ASP B 74 13.56 -5.14 27.55
CA ASP B 74 13.35 -3.78 27.06
C ASP B 74 12.09 -3.34 27.79
N ALA B 75 11.57 -2.19 27.39
CA ALA B 75 10.34 -1.70 27.96
C ALA B 75 9.26 -2.16 26.98
N GLU B 76 9.68 -2.81 25.91
CA GLU B 76 8.76 -3.31 24.92
C GLU B 76 8.91 -4.82 24.82
N GLY B 77 9.54 -5.39 25.86
CA GLY B 77 9.72 -6.81 25.96
C GLY B 77 10.89 -7.37 25.18
N SER B 78 11.72 -6.48 24.62
CA SER B 78 12.86 -6.93 23.83
C SER B 78 14.14 -7.27 24.59
N THR B 79 14.75 -8.39 24.24
CA THR B 79 16.02 -8.79 24.84
C THR B 79 17.13 -8.34 23.88
N CYS B 80 18.38 -8.42 24.33
CA CYS B 80 19.48 -8.04 23.44
C CYS B 80 19.42 -8.91 22.20
N LEU B 81 18.97 -10.15 22.33
CA LEU B 81 18.85 -11.05 21.18
C LEU B 81 17.97 -10.44 20.12
N HIS B 82 16.81 -9.93 20.53
CA HIS B 82 15.87 -9.28 19.62
C HIS B 82 16.54 -8.10 18.92
N LEU B 83 17.19 -7.26 19.72
CA LEU B 83 17.83 -6.05 19.21
C LEU B 83 18.93 -6.34 18.19
N ALA B 84 19.72 -7.37 18.47
CA ALA B 84 20.79 -7.74 17.57
C ALA B 84 20.20 -8.20 16.24
N ALA B 85 19.17 -9.04 16.30
CA ALA B 85 18.49 -9.55 15.12
C ALA B 85 17.90 -8.41 14.29
N LYS B 86 17.29 -7.45 14.97
CA LYS B 86 16.68 -6.30 14.31
C LYS B 86 17.72 -5.53 13.50
N LYS B 87 18.92 -5.38 14.04
CA LYS B 87 19.98 -4.67 13.34
C LYS B 87 20.73 -5.53 12.34
N GLY B 88 20.50 -6.84 12.42
CA GLY B 88 21.16 -7.75 11.49
C GLY B 88 22.56 -8.13 11.91
N HIS B 89 22.86 -8.04 13.21
CA HIS B 89 24.19 -8.39 13.68
C HIS B 89 24.44 -9.90 13.87
N TYR B 90 24.77 -10.55 12.76
CA TYR B 90 25.04 -11.98 12.70
C TYR B 90 25.92 -12.57 13.79
N GLU B 91 27.14 -12.04 13.94
CA GLU B 91 28.05 -12.55 14.94
C GLU B 91 27.56 -12.35 16.37
N VAL B 92 26.89 -11.23 16.62
CA VAL B 92 26.40 -10.98 17.96
C VAL B 92 25.28 -11.95 18.26
N VAL B 93 24.37 -12.12 17.30
CA VAL B 93 23.23 -13.03 17.49
C VAL B 93 23.75 -14.45 17.63
N GLN B 94 24.83 -14.73 16.93
CA GLN B 94 25.41 -16.04 16.99
C GLN B 94 26.01 -16.34 18.37
N TYR B 95 26.73 -15.37 18.92
CA TYR B 95 27.33 -15.54 20.23
C TYR B 95 26.26 -15.72 21.29
N LEU B 96 25.17 -14.96 21.17
CA LEU B 96 24.10 -15.06 22.15
C LEU B 96 23.39 -16.40 22.02
N LEU B 97 23.45 -17.00 20.84
CA LEU B 97 22.76 -18.28 20.67
C LEU B 97 23.64 -19.51 20.69
N SER B 98 24.89 -19.35 21.12
CA SER B 98 25.82 -20.46 21.17
C SER B 98 25.73 -21.30 22.44
N ASN B 99 25.09 -20.75 23.47
CA ASN B 99 24.99 -21.42 24.74
C ASN B 99 23.96 -22.52 24.84
N GLY B 100 22.76 -22.24 24.32
CA GLY B 100 21.65 -23.16 24.43
C GLY B 100 20.73 -22.61 25.55
N GLN B 101 21.25 -21.66 26.32
CA GLN B 101 20.49 -21.05 27.41
C GLN B 101 19.45 -20.05 26.91
N MET B 102 19.84 -19.17 26.00
CA MET B 102 18.90 -18.18 25.46
C MET B 102 17.85 -18.93 24.65
N ASP B 103 16.68 -18.33 24.52
CA ASP B 103 15.59 -18.92 23.79
C ASP B 103 15.26 -18.14 22.52
N VAL B 104 15.57 -18.72 21.36
CA VAL B 104 15.32 -18.06 20.07
C VAL B 104 13.89 -17.63 19.82
N ASN B 105 12.96 -18.29 20.49
CA ASN B 105 11.58 -17.95 20.30
C ASN B 105 10.99 -16.93 21.26
N CYS B 106 11.81 -16.40 22.18
CA CYS B 106 11.33 -15.41 23.12
C CYS B 106 10.54 -14.33 22.35
N GLN B 107 9.28 -14.13 22.73
CA GLN B 107 8.47 -13.11 22.07
C GLN B 107 8.45 -11.81 22.88
N ASP B 108 8.42 -10.66 22.20
CA ASP B 108 8.38 -9.39 22.92
C ASP B 108 6.92 -9.02 23.19
N ASP B 109 6.69 -7.86 23.76
CA ASP B 109 5.33 -7.51 24.12
C ASP B 109 4.35 -7.46 22.96
N GLY B 110 4.86 -7.29 21.74
CA GLY B 110 4.01 -7.27 20.56
C GLY B 110 3.85 -8.69 20.02
N GLY B 111 4.50 -9.66 20.67
CA GLY B 111 4.42 -11.04 20.25
C GLY B 111 5.41 -11.37 19.16
N TRP B 112 6.36 -10.47 18.90
CA TRP B 112 7.35 -10.68 17.84
C TRP B 112 8.59 -11.41 18.30
N THR B 113 9.10 -12.28 17.43
CA THR B 113 10.30 -13.06 17.73
C THR B 113 11.54 -12.44 17.12
N PRO B 114 12.74 -12.97 17.45
CA PRO B 114 13.91 -12.35 16.83
C PRO B 114 13.82 -12.54 15.33
N MET B 115 13.26 -13.68 14.91
CA MET B 115 13.11 -13.89 13.49
C MET B 115 12.19 -12.86 12.82
N ILE B 116 11.07 -12.54 13.44
CA ILE B 116 10.19 -11.56 12.84
C ILE B 116 10.89 -10.20 12.76
N TRP B 117 11.80 -9.93 13.67
CA TRP B 117 12.51 -8.66 13.57
C TRP B 117 13.49 -8.67 12.41
N ALA B 118 14.21 -9.79 12.26
CA ALA B 118 15.19 -9.94 11.19
C ALA B 118 14.43 -9.80 9.88
N THR B 119 13.25 -10.41 9.83
CA THR B 119 12.43 -10.40 8.62
C THR B 119 11.95 -9.03 8.21
N GLU B 120 11.51 -8.23 9.17
CA GLU B 120 11.03 -6.90 8.82
C GLU B 120 12.16 -6.11 8.21
N TYR B 121 13.39 -6.34 8.67
CA TYR B 121 14.49 -5.56 8.12
C TYR B 121 15.30 -6.24 7.02
N LYS B 122 14.73 -7.30 6.47
CA LYS B 122 15.32 -8.01 5.37
C LYS B 122 16.66 -8.71 5.59
N HIS B 123 17.08 -8.88 6.84
CA HIS B 123 18.34 -9.54 7.10
C HIS B 123 18.22 -11.04 6.83
N VAL B 124 18.36 -11.42 5.55
CA VAL B 124 18.25 -12.83 5.15
C VAL B 124 19.15 -13.82 5.87
N ASP B 125 20.45 -13.60 5.83
CA ASP B 125 21.36 -14.54 6.48
C ASP B 125 21.07 -14.69 7.96
N LEU B 126 20.65 -13.60 8.59
CA LEU B 126 20.29 -13.62 10.01
C LEU B 126 19.12 -14.61 10.18
N VAL B 127 18.11 -14.46 9.34
CA VAL B 127 16.94 -15.34 9.35
C VAL B 127 17.38 -16.77 9.19
N LYS B 128 18.32 -16.97 8.27
CA LYS B 128 18.87 -18.29 8.01
C LYS B 128 19.50 -18.84 9.27
N LEU B 129 20.38 -18.05 9.88
CA LEU B 129 21.05 -18.45 11.11
C LEU B 129 20.00 -18.78 12.17
N LEU B 130 19.10 -17.84 12.42
CA LEU B 130 18.07 -18.08 13.42
C LEU B 130 17.32 -19.36 13.15
N LEU B 131 17.06 -19.65 11.88
CA LEU B 131 16.36 -20.86 11.54
C LEU B 131 17.12 -22.07 12.02
N SER B 132 18.39 -22.16 11.62
CA SER B 132 19.23 -23.28 12.04
C SER B 132 19.30 -23.43 13.57
N LYS B 133 19.17 -22.31 14.27
CA LYS B 133 19.22 -22.33 15.72
C LYS B 133 17.90 -22.70 16.40
N GLY B 134 17.00 -23.34 15.64
CA GLY B 134 15.74 -23.77 16.20
C GLY B 134 14.57 -22.81 16.25
N SER B 135 14.61 -21.79 15.40
CA SER B 135 13.55 -20.79 15.32
C SER B 135 12.29 -21.48 14.79
N ASP B 136 11.16 -21.27 15.46
CA ASP B 136 9.88 -21.88 15.05
C ASP B 136 9.17 -20.99 14.03
N ILE B 137 8.91 -21.48 12.82
CA ILE B 137 8.24 -20.65 11.82
C ILE B 137 6.74 -20.47 12.07
N ASN B 138 6.17 -21.24 12.98
CA ASN B 138 4.73 -21.16 13.23
C ASN B 138 4.29 -20.20 14.31
N ILE B 139 5.22 -19.67 15.09
CA ILE B 139 4.85 -18.73 16.14
C ILE B 139 4.03 -17.58 15.55
N ARG B 140 2.97 -17.20 16.25
CA ARG B 140 2.07 -16.12 15.82
C ARG B 140 2.29 -14.91 16.69
N ASP B 141 2.31 -13.71 16.12
CA ASP B 141 2.47 -12.54 16.97
C ASP B 141 1.08 -12.22 17.56
N ASN B 142 0.86 -11.03 18.12
CA ASN B 142 -0.44 -10.74 18.70
C ASN B 142 -1.52 -10.51 17.70
N GLU B 143 -1.14 -10.16 16.47
CA GLU B 143 -2.10 -9.93 15.40
C GLU B 143 -2.30 -11.28 14.71
N GLU B 144 -1.68 -12.32 15.25
CA GLU B 144 -1.79 -13.66 14.71
C GLU B 144 -1.13 -13.86 13.36
N ASN B 145 -0.11 -13.04 13.11
CA ASN B 145 0.72 -13.10 11.90
C ASN B 145 1.78 -14.14 12.13
N ILE B 146 2.24 -14.81 11.09
CA ILE B 146 3.36 -15.70 11.27
C ILE B 146 4.50 -14.95 10.57
N CYS B 147 5.71 -15.47 10.63
CA CYS B 147 6.82 -14.77 9.98
C CYS B 147 6.60 -14.47 8.48
N LEU B 148 5.97 -15.40 7.77
CA LEU B 148 5.71 -15.23 6.35
C LEU B 148 4.88 -13.97 6.05
N HIS B 149 4.01 -13.58 6.97
CA HIS B 149 3.19 -12.38 6.77
C HIS B 149 4.07 -11.14 6.77
N TRP B 150 5.12 -11.16 7.57
CA TRP B 150 6.00 -10.00 7.63
C TRP B 150 6.95 -10.00 6.45
N ALA B 151 7.30 -11.19 5.98
CA ALA B 151 8.17 -11.29 4.83
C ALA B 151 7.37 -10.70 3.68
N ALA B 152 6.08 -11.05 3.64
CA ALA B 152 5.19 -10.54 2.60
C ALA B 152 5.05 -9.04 2.78
N PHE B 153 4.96 -8.61 4.03
CA PHE B 153 4.77 -7.20 4.32
C PHE B 153 5.90 -6.31 3.86
N SER B 154 7.12 -6.65 4.25
CA SER B 154 8.28 -5.83 3.89
C SER B 154 8.84 -6.13 2.50
N GLY B 155 8.42 -7.26 1.92
CA GLY B 155 8.87 -7.57 0.58
C GLY B 155 10.12 -8.36 0.36
N CYS B 156 10.53 -9.19 1.31
CA CYS B 156 11.72 -9.97 1.06
C CYS B 156 11.38 -11.37 0.56
N VAL B 157 11.44 -11.56 -0.77
CA VAL B 157 11.14 -12.85 -1.36
C VAL B 157 12.16 -13.93 -1.00
N ASP B 158 13.37 -13.51 -0.68
CA ASP B 158 14.37 -14.51 -0.34
C ASP B 158 13.98 -15.13 0.98
N ILE B 159 13.55 -14.30 1.91
CA ILE B 159 13.14 -14.78 3.21
C ILE B 159 11.85 -15.59 3.02
N ALA B 160 10.90 -15.03 2.28
CA ALA B 160 9.64 -15.69 2.03
C ALA B 160 9.90 -17.08 1.53
N GLU B 161 10.83 -17.15 0.59
CA GLU B 161 11.19 -18.40 -0.02
C GLU B 161 11.77 -19.40 0.96
N ILE B 162 12.70 -18.95 1.77
CA ILE B 162 13.28 -19.84 2.75
C ILE B 162 12.21 -20.43 3.67
N LEU B 163 11.37 -19.56 4.21
CA LEU B 163 10.32 -19.95 5.10
C LEU B 163 9.38 -20.90 4.40
N LEU B 164 9.06 -20.61 3.14
CA LEU B 164 8.15 -21.51 2.43
C LEU B 164 8.81 -22.88 2.31
N ALA B 165 10.11 -22.87 2.07
CA ALA B 165 10.88 -24.09 1.95
C ALA B 165 10.97 -24.81 3.28
N ALA B 166 10.73 -24.10 4.38
CA ALA B 166 10.80 -24.72 5.70
C ALA B 166 9.46 -25.36 6.05
N LYS B 167 8.58 -25.45 5.06
CA LYS B 167 7.26 -26.05 5.26
C LYS B 167 6.42 -25.22 6.25
N CYS B 168 6.17 -23.97 5.89
CA CYS B 168 5.39 -23.08 6.74
C CYS B 168 4.07 -22.78 5.99
N ASP B 169 3.00 -22.50 6.73
CA ASP B 169 1.67 -22.27 6.15
C ASP B 169 1.55 -21.07 5.20
N LEU B 170 1.27 -21.39 3.92
CA LEU B 170 1.14 -20.38 2.87
C LEU B 170 -0.23 -19.72 2.91
N HIS B 171 -1.19 -20.41 3.51
CA HIS B 171 -2.56 -19.94 3.65
C HIS B 171 -2.91 -19.44 5.04
N ALA B 172 -1.90 -19.24 5.88
CA ALA B 172 -2.14 -18.74 7.22
C ALA B 172 -2.81 -17.34 7.15
N VAL B 173 -3.77 -17.10 8.02
CA VAL B 173 -4.40 -15.80 8.00
C VAL B 173 -4.35 -15.22 9.40
N ASN B 174 -4.25 -13.90 9.49
CA ASN B 174 -4.14 -13.25 10.77
C ASN B 174 -5.49 -12.76 11.26
N ILE B 175 -5.44 -11.97 12.31
CA ILE B 175 -6.62 -11.43 12.93
C ILE B 175 -7.48 -10.54 11.99
N HIS B 176 -7.07 -10.38 10.74
CA HIS B 176 -7.86 -9.55 9.83
C HIS B 176 -8.31 -10.38 8.64
N GLY B 177 -7.99 -11.66 8.69
CA GLY B 177 -8.35 -12.52 7.59
C GLY B 177 -7.28 -12.50 6.52
N ASP B 178 -6.38 -11.51 6.57
CA ASP B 178 -5.29 -11.38 5.57
C ASP B 178 -4.36 -12.58 5.45
N SER B 179 -4.11 -13.04 4.23
CA SER B 179 -3.21 -14.15 4.03
C SER B 179 -1.88 -13.51 3.58
N PRO B 180 -0.85 -14.32 3.33
CA PRO B 180 0.36 -13.59 2.91
C PRO B 180 0.11 -12.83 1.59
N LEU B 181 -0.56 -13.47 0.62
CA LEU B 181 -0.86 -12.82 -0.64
C LEU B 181 -1.64 -11.50 -0.41
N HIS B 182 -2.58 -11.49 0.50
CA HIS B 182 -3.29 -10.26 0.75
C HIS B 182 -2.28 -9.17 1.02
N ILE B 183 -1.36 -9.44 1.94
CA ILE B 183 -0.37 -8.45 2.31
C ILE B 183 0.56 -8.05 1.17
N ALA B 184 1.05 -9.04 0.43
CA ALA B 184 1.94 -8.75 -0.68
C ALA B 184 1.24 -7.82 -1.66
N ALA B 185 0.02 -8.16 -2.06
CA ALA B 185 -0.71 -7.32 -2.99
C ALA B 185 -0.95 -5.93 -2.42
N ARG B 186 -1.40 -5.84 -1.18
CA ARG B 186 -1.69 -4.52 -0.60
C ARG B 186 -0.43 -3.68 -0.39
N GLU B 187 0.72 -4.29 -0.20
CA GLU B 187 1.94 -3.53 0.01
C GLU B 187 2.82 -3.56 -1.25
N ASN B 188 2.14 -3.57 -2.40
CA ASN B 188 2.70 -3.63 -3.75
C ASN B 188 4.02 -4.38 -3.96
N ARG B 189 4.08 -5.56 -3.41
CA ARG B 189 5.23 -6.42 -3.57
C ARG B 189 4.95 -7.32 -4.77
N TYR B 190 5.68 -7.09 -5.84
CA TYR B 190 5.51 -7.86 -7.04
C TYR B 190 6.13 -9.25 -6.88
N ASP B 191 7.43 -9.30 -6.64
CA ASP B 191 8.11 -10.57 -6.50
C ASP B 191 7.44 -11.53 -5.54
N CYS B 192 7.00 -11.02 -4.39
CA CYS B 192 6.34 -11.86 -3.42
C CYS B 192 5.05 -12.46 -3.95
N VAL B 193 4.15 -11.60 -4.42
CA VAL B 193 2.91 -12.13 -4.99
C VAL B 193 3.22 -13.16 -6.08
N VAL B 194 4.24 -12.87 -6.87
CA VAL B 194 4.62 -13.82 -7.91
C VAL B 194 5.02 -15.15 -7.31
N LEU B 195 5.83 -15.09 -6.25
CA LEU B 195 6.26 -16.31 -5.57
C LEU B 195 5.06 -17.01 -4.92
N PHE B 196 4.15 -16.24 -4.34
CA PHE B 196 2.99 -16.80 -3.68
C PHE B 196 2.01 -17.45 -4.64
N LEU B 197 1.91 -16.90 -5.85
CA LEU B 197 1.01 -17.44 -6.84
C LEU B 197 1.65 -18.66 -7.46
N SER B 198 2.96 -18.60 -7.73
CA SER B 198 3.64 -19.79 -8.28
C SER B 198 3.54 -20.89 -7.24
N ARG B 199 3.21 -20.47 -6.02
CA ARG B 199 3.05 -21.41 -4.91
C ARG B 199 1.54 -21.70 -4.66
N ASP B 200 0.67 -21.20 -5.57
CA ASP B 200 -0.73 -21.59 -5.42
C ASP B 200 -1.52 -20.88 -4.32
N SER B 201 -1.12 -19.69 -3.93
CA SER B 201 -1.91 -19.00 -2.90
C SER B 201 -3.30 -18.74 -3.47
N ASP B 202 -4.39 -18.87 -2.69
CA ASP B 202 -5.74 -18.69 -3.25
C ASP B 202 -6.10 -17.26 -3.59
N VAL B 203 -6.25 -16.99 -4.89
CA VAL B 203 -6.56 -15.65 -5.37
C VAL B 203 -7.99 -15.24 -5.05
N THR B 204 -8.82 -16.23 -4.75
CA THR B 204 -10.23 -16.01 -4.44
C THR B 204 -10.54 -15.71 -2.98
N LEU B 205 -9.71 -16.23 -2.08
CA LEU B 205 -9.90 -16.03 -0.65
C LEU B 205 -10.16 -14.58 -0.22
N LYS B 206 -11.26 -14.37 0.47
CA LYS B 206 -11.61 -13.04 0.96
C LYS B 206 -11.10 -12.95 2.39
N ASN B 207 -10.79 -11.75 2.85
CA ASN B 207 -10.34 -11.57 4.21
C ASN B 207 -11.54 -11.06 5.00
N LYS B 208 -11.33 -10.71 6.26
CA LYS B 208 -12.39 -10.26 7.16
C LYS B 208 -13.20 -9.08 6.63
N GLU B 209 -12.93 -8.66 5.40
CA GLU B 209 -13.66 -7.52 4.89
C GLU B 209 -14.14 -7.67 3.46
N GLY B 210 -14.20 -8.91 2.99
CA GLY B 210 -14.72 -9.20 1.66
C GLY B 210 -13.74 -8.90 0.54
N GLU B 211 -12.48 -8.66 0.86
CA GLU B 211 -11.50 -8.37 -0.17
C GLU B 211 -10.71 -9.59 -0.58
N THR B 212 -10.52 -9.74 -1.85
CA THR B 212 -9.65 -10.82 -2.26
C THR B 212 -8.24 -10.20 -2.12
N PRO B 213 -7.20 -10.87 -2.56
CA PRO B 213 -5.97 -10.08 -2.63
C PRO B 213 -6.04 -9.10 -3.82
N LEU B 214 -6.67 -9.53 -4.92
CA LEU B 214 -6.82 -8.69 -6.10
C LEU B 214 -7.47 -7.35 -5.82
N GLN B 215 -8.49 -7.34 -4.97
CA GLN B 215 -9.14 -6.08 -4.65
C GLN B 215 -8.23 -5.23 -3.78
N CYS B 216 -7.22 -5.85 -3.16
CA CYS B 216 -6.27 -5.13 -2.31
C CYS B 216 -5.11 -4.62 -3.14
N ALA B 217 -5.00 -5.20 -4.33
CA ALA B 217 -3.94 -4.83 -5.26
C ALA B 217 -4.23 -3.44 -5.79
N SER B 218 -3.16 -2.70 -6.02
CA SER B 218 -3.25 -1.35 -6.57
C SER B 218 -3.63 -1.45 -8.06
N LEU B 219 -4.49 -0.56 -8.51
CA LEU B 219 -4.95 -0.55 -9.91
C LEU B 219 -3.87 -0.31 -10.98
N ASN B 220 -3.89 -1.12 -12.02
CA ASN B 220 -2.94 -1.01 -13.13
C ASN B 220 -1.48 -1.30 -12.72
N SER B 221 -1.27 -1.64 -11.46
CA SER B 221 0.07 -1.95 -10.99
C SER B 221 0.46 -3.32 -11.53
N GLN B 222 1.74 -3.63 -11.47
CA GLN B 222 2.22 -4.91 -11.95
C GLN B 222 1.60 -6.03 -11.16
N VAL B 223 1.42 -5.79 -9.87
CA VAL B 223 0.81 -6.78 -8.97
C VAL B 223 -0.57 -7.11 -9.50
N TRP B 224 -1.38 -6.07 -9.64
CA TRP B 224 -2.74 -6.21 -10.13
C TRP B 224 -2.76 -7.01 -11.43
N SER B 225 -1.83 -6.69 -12.31
CA SER B 225 -1.72 -7.37 -13.58
C SER B 225 -1.43 -8.86 -13.44
N ALA B 226 -0.52 -9.22 -12.54
CA ALA B 226 -0.17 -10.63 -12.35
C ALA B 226 -1.30 -11.37 -11.65
N LEU B 227 -2.10 -10.66 -10.88
CA LEU B 227 -3.23 -11.29 -10.19
C LEU B 227 -4.32 -11.62 -11.19
N GLN B 228 -4.68 -10.64 -12.03
CA GLN B 228 -5.68 -10.79 -13.10
C GLN B 228 -5.36 -12.04 -13.87
N MET B 229 -4.16 -12.04 -14.45
CA MET B 229 -3.66 -13.17 -15.20
C MET B 229 -4.04 -14.42 -14.45
N SER B 230 -3.51 -14.53 -13.23
CA SER B 230 -3.76 -15.69 -12.39
C SER B 230 -5.26 -15.95 -12.28
N LYS B 231 -6.03 -14.92 -11.89
CA LYS B 231 -7.48 -15.06 -11.78
C LYS B 231 -8.02 -15.76 -13.03
N ALA B 232 -7.89 -15.10 -14.17
CA ALA B 232 -8.36 -15.66 -15.42
C ALA B 232 -7.76 -17.03 -15.71
N LEU B 233 -6.43 -17.10 -15.83
CA LEU B 233 -5.73 -18.36 -16.13
C LEU B 233 -6.27 -19.57 -15.34
N GLN B 234 -6.97 -19.28 -14.24
CA GLN B 234 -7.56 -20.33 -13.42
C GLN B 234 -8.97 -20.55 -13.95
N ASP B 235 -9.78 -19.49 -13.90
CA ASP B 235 -11.16 -19.51 -14.38
C ASP B 235 -11.25 -19.79 -15.89
N SER B 236 -10.20 -20.44 -16.42
CA SER B 236 -10.11 -20.78 -17.84
C SER B 236 -9.24 -22.03 -18.07
N ALA C 1 15.51 1.10 17.24
CA ALA C 1 16.21 2.38 16.95
C ALA C 1 16.70 2.37 15.52
N ARG C 2 15.97 1.64 14.66
CA ARG C 2 16.31 1.52 13.24
C ARG C 2 15.12 1.94 12.37
N THR C 3 13.96 2.07 13.03
CA THR C 3 12.71 2.47 12.39
C THR C 3 12.24 3.80 12.99
N ALA C 7 2.35 0.32 21.87
CA ALA C 7 2.80 0.48 20.49
C ALA C 7 2.65 -0.80 19.66
N ARG C 8 2.08 -0.66 18.47
CA ARG C 8 1.90 -1.81 17.59
C ARG C 8 1.91 -1.45 16.10
N MLY C 9 2.84 -2.07 15.39
CA MLY C 9 2.96 -1.91 13.94
CB MLY C 9 4.41 -2.22 13.50
CG MLY C 9 5.13 -3.21 14.43
CD MLY C 9 6.43 -3.75 13.82
CE MLY C 9 7.15 -4.68 14.79
NZ MLY C 9 7.99 -5.67 14.13
CH1 MLY C 9 8.71 -6.38 15.18
CH2 MLY C 9 7.12 -6.64 13.48
C MLY C 9 1.98 -2.96 13.39
O MLY C 9 1.78 -4.00 14.01
N SER C 10 1.35 -2.68 12.25
CA SER C 10 0.42 -3.64 11.66
C SER C 10 0.81 -4.07 10.26
N THR C 11 0.40 -5.29 9.90
CA THR C 11 0.68 -5.84 8.59
C THR C 11 -0.49 -5.62 7.65
N GLY C 12 -1.29 -4.59 7.94
CA GLY C 12 -2.42 -4.32 7.07
C GLY C 12 -2.77 -2.86 6.96
N GLY C 13 -1.74 -2.00 6.90
CA GLY C 13 -1.94 -0.56 6.82
C GLY C 13 -2.68 -0.03 5.59
S SO4 D . -2.20 3.33 -30.45
O1 SO4 D . -3.10 3.98 -29.50
O2 SO4 D . -2.92 2.24 -31.16
O3 SO4 D . -1.72 4.31 -31.45
O4 SO4 D . -1.04 2.76 -29.73
S SO4 E . -25.73 10.89 -20.34
O1 SO4 E . -26.94 10.18 -20.79
O2 SO4 E . -24.57 9.96 -20.36
O3 SO4 E . -25.45 12.01 -21.26
O4 SO4 E . -25.93 11.42 -18.97
S SO4 F . -16.63 10.40 -24.72
O1 SO4 F . -17.75 9.72 -25.39
O2 SO4 F . -15.51 9.43 -24.55
O3 SO4 F . -16.16 11.53 -25.54
O4 SO4 F . -17.06 10.90 -23.40
S SO4 G . -34.45 7.98 -15.38
O1 SO4 G . -34.40 6.62 -14.81
O2 SO4 G . -33.19 8.29 -16.11
O3 SO4 G . -35.60 8.09 -16.31
O4 SO4 G . -34.63 8.95 -14.27
S SO4 H . -35.45 20.39 -13.01
O1 SO4 H . -35.91 19.39 -14.00
O2 SO4 H . -36.31 20.29 -11.82
O3 SO4 H . -34.03 20.12 -12.64
O4 SO4 H . -35.55 21.76 -13.59
S SO4 I . 9.03 -5.58 -5.63
O1 SO4 I . 9.01 -7.03 -5.36
O2 SO4 I . 7.71 -5.16 -6.16
O3 SO4 I . 9.30 -4.84 -4.38
O4 SO4 I . 10.08 -5.30 -6.63
S SO4 J . 10.09 -0.15 1.01
O1 SO4 J . 10.68 -1.35 0.36
O2 SO4 J . 9.32 0.62 0.00
O3 SO4 J . 9.18 -0.56 2.09
O4 SO4 J . 11.16 0.68 1.58
S SO4 K . 28.05 -8.90 11.42
O1 SO4 K . 28.28 -10.04 10.52
O2 SO4 K . 26.95 -8.07 10.88
O3 SO4 K . 27.67 -9.42 12.76
O4 SO4 K . 29.28 -8.08 11.55
S SO4 L . 38.81 -1.15 23.93
O1 SO4 L . 37.65 -1.81 23.31
O2 SO4 L . 39.44 -2.09 24.88
O3 SO4 L . 39.78 -0.77 22.89
O4 SO4 L . 38.37 0.06 24.66
S SO4 M . 21.29 -10.10 4.50
O1 SO4 M . 20.07 -10.36 3.72
O2 SO4 M . 21.25 -8.72 5.05
O3 SO4 M . 21.42 -11.07 5.61
O4 SO4 M . 22.46 -10.21 3.60
#